data_2QLB
#
_entry.id   2QLB
#
_cell.length_a   88.245
_cell.length_b   88.245
_cell.length_c   188.293
_cell.angle_alpha   90.00
_cell.angle_beta   90.00
_cell.angle_gamma   120.00
#
_symmetry.space_group_name_H-M   'P 32 2 1'
#
loop_
_entity.id
_entity.type
_entity.pdbx_description
1 polymer Caspase-7
2 polymer Caspase-7
3 polymer 'Inhibitor AC-ESMD-CHO'
4 polymer 'Peptide QGHGE'
5 non-polymer 'CITRIC ACID'
6 water water
#
loop_
_entity_poly.entity_id
_entity_poly.type
_entity_poly.pdbx_seq_one_letter_code
_entity_poly.pdbx_strand_id
1 'polypeptide(L)'
;AKPDRSSFVPSLFSKKKKNVTMRSIKTTRDRVPTYQYNMNFEKLGKCIIINNKNFDKVTGMGVRNGTDKDAEALFKCFRS
LGFDVIVYNDCSCAKMQDLLKKASEEDHTNAACFACILLSHGEENVIYGKDGVTPIKDLTAHFRGDRCKTLLEKPKLFFI
QACRGTELDDGIQ
;
A,C
2 'polypeptide(L)'
;ANPRYKIPVEADFLFAYSTVPGYYSWRSPGRGSWFVQALCSILEEHGKDLEIMQILTRVNDRVARHFESQSDDPHFHEKK
QIPCVVSMLTKELYFSQ
;
B,D
3 'polypeptide(L)' (ACE)ESM(ASJ) E,F
4 'polypeptide(L)' QGHGE G
#
# COMPACT_ATOMS: atom_id res chain seq x y z
N THR A 34 23.34 -2.80 -1.86
CA THR A 34 23.02 -1.37 -2.16
C THR A 34 21.51 -1.23 -2.36
N TYR A 35 20.89 -2.33 -2.77
CA TYR A 35 19.46 -2.36 -3.03
C TYR A 35 18.69 -3.19 -2.00
N GLN A 36 19.42 -3.72 -1.02
CA GLN A 36 18.81 -4.54 0.03
C GLN A 36 19.10 -3.96 1.40
N TYR A 37 18.18 -4.16 2.33
CA TYR A 37 18.38 -3.66 3.68
C TYR A 37 19.50 -4.49 4.29
N ASN A 38 20.39 -3.84 5.03
CA ASN A 38 21.49 -4.53 5.69
C ASN A 38 20.94 -5.35 6.85
N MET A 39 21.17 -6.66 6.81
CA MET A 39 20.70 -7.56 7.85
C MET A 39 21.83 -8.07 8.75
N ASN A 40 23.03 -7.53 8.55
CA ASN A 40 24.18 -7.95 9.33
C ASN A 40 24.24 -7.32 10.72
N PHE A 41 23.32 -7.74 11.58
CA PHE A 41 23.25 -7.24 12.95
C PHE A 41 23.22 -8.47 13.85
N GLU A 42 23.36 -8.26 15.16
CA GLU A 42 23.34 -9.37 16.10
C GLU A 42 21.96 -10.01 16.21
N LYS A 43 20.92 -9.18 16.16
CA LYS A 43 19.54 -9.66 16.26
C LYS A 43 18.71 -9.22 15.05
N LEU A 44 17.73 -10.04 14.69
CA LEU A 44 16.84 -9.70 13.58
C LEU A 44 15.97 -8.59 14.13
N GLY A 45 15.48 -8.77 15.35
CA GLY A 45 14.66 -7.75 15.96
C GLY A 45 13.55 -8.24 16.88
N LYS A 46 12.86 -7.29 17.48
CA LYS A 46 11.77 -7.56 18.40
C LYS A 46 10.46 -7.69 17.61
N CYS A 47 9.59 -8.59 18.06
CA CYS A 47 8.30 -8.80 17.42
C CYS A 47 7.21 -8.82 18.48
N ILE A 48 6.31 -7.85 18.41
CA ILE A 48 5.20 -7.76 19.34
C ILE A 48 3.91 -8.27 18.72
N ILE A 49 3.27 -9.22 19.40
CA ILE A 49 2.01 -9.76 18.93
C ILE A 49 0.92 -9.42 19.95
N ILE A 50 -0.09 -8.67 19.52
CA ILE A 50 -1.19 -8.31 20.39
C ILE A 50 -2.39 -9.17 19.99
N ASN A 51 -2.71 -10.14 20.83
CA ASN A 51 -3.81 -11.07 20.59
C ASN A 51 -5.03 -10.75 21.45
N ASN A 52 -5.97 -10.00 20.89
CA ASN A 52 -7.19 -9.62 21.61
C ASN A 52 -8.36 -10.54 21.26
N LYS A 53 -8.78 -11.35 22.22
CA LYS A 53 -9.85 -12.33 22.03
C LYS A 53 -11.16 -12.00 22.74
N ASN A 54 -11.07 -11.53 23.97
CA ASN A 54 -12.26 -11.21 24.77
C ASN A 54 -12.41 -9.70 24.92
N PHE A 55 -13.63 -9.19 24.73
CA PHE A 55 -13.87 -7.75 24.85
C PHE A 55 -14.94 -7.39 25.88
N ASP A 56 -14.87 -6.17 26.40
CA ASP A 56 -15.84 -5.70 27.39
C ASP A 56 -17.22 -5.55 26.75
N LYS A 57 -18.24 -5.96 27.48
CA LYS A 57 -19.61 -5.88 27.00
C LYS A 57 -20.00 -4.48 26.51
N VAL A 58 -19.39 -3.45 27.09
CA VAL A 58 -19.68 -2.08 26.69
C VAL A 58 -19.32 -1.83 25.22
N THR A 59 -18.31 -2.54 24.73
CA THR A 59 -17.86 -2.39 23.35
C THR A 59 -18.84 -3.04 22.36
N GLY A 60 -19.55 -4.07 22.84
CA GLY A 60 -20.51 -4.75 21.99
C GLY A 60 -19.87 -5.72 21.02
N MET A 61 -18.56 -5.93 21.15
CA MET A 61 -17.85 -6.84 20.26
C MET A 61 -17.82 -8.27 20.82
N GLY A 62 -17.99 -9.25 19.94
CA GLY A 62 -18.00 -10.64 20.38
C GLY A 62 -16.63 -11.28 20.50
N VAL A 63 -16.60 -12.48 21.08
CA VAL A 63 -15.37 -13.22 21.26
C VAL A 63 -14.82 -13.66 19.91
N ARG A 64 -13.51 -13.48 19.71
CA ARG A 64 -12.88 -13.86 18.45
C ARG A 64 -12.29 -15.25 18.48
N ASN A 65 -13.15 -16.26 18.40
CA ASN A 65 -12.68 -17.64 18.41
C ASN A 65 -11.76 -17.87 17.22
N GLY A 66 -10.71 -18.66 17.43
CA GLY A 66 -9.76 -18.93 16.37
C GLY A 66 -8.51 -18.07 16.44
N THR A 67 -8.59 -16.95 17.16
CA THR A 67 -7.44 -16.07 17.25
C THR A 67 -6.26 -16.66 18.02
N ASP A 68 -6.50 -17.69 18.84
CA ASP A 68 -5.42 -18.31 19.57
C ASP A 68 -4.63 -19.22 18.62
N LYS A 69 -5.32 -19.79 17.63
CA LYS A 69 -4.66 -20.64 16.65
C LYS A 69 -3.73 -19.75 15.83
N ASP A 70 -4.22 -18.58 15.46
CA ASP A 70 -3.44 -17.63 14.69
C ASP A 70 -2.21 -17.18 15.47
N ALA A 71 -2.41 -16.77 16.72
CA ALA A 71 -1.32 -16.29 17.56
C ALA A 71 -0.21 -17.34 17.70
N GLU A 72 -0.60 -18.58 17.98
CA GLU A 72 0.40 -19.63 18.12
C GLU A 72 1.12 -19.89 16.80
N ALA A 73 0.38 -19.84 15.70
CA ALA A 73 0.98 -20.05 14.37
C ALA A 73 1.96 -18.91 14.05
N LEU A 74 1.54 -17.69 14.32
CA LEU A 74 2.38 -16.53 14.06
C LEU A 74 3.63 -16.58 14.95
N PHE A 75 3.45 -17.01 16.20
CA PHE A 75 4.54 -17.10 17.15
C PHE A 75 5.65 -17.99 16.60
N LYS A 76 5.29 -19.19 16.15
CA LYS A 76 6.29 -20.12 15.62
C LYS A 76 6.94 -19.61 14.33
N CYS A 77 6.13 -19.07 13.42
CA CYS A 77 6.67 -18.56 12.16
C CYS A 77 7.68 -17.45 12.38
N PHE A 78 7.27 -16.40 13.08
CA PHE A 78 8.18 -15.29 13.34
C PHE A 78 9.39 -15.66 14.18
N ARG A 79 9.24 -16.65 15.05
CA ARG A 79 10.35 -17.11 15.89
C ARG A 79 11.36 -17.78 14.95
N SER A 80 10.84 -18.58 14.02
CA SER A 80 11.68 -19.27 13.04
C SER A 80 12.50 -18.31 12.20
N LEU A 81 11.91 -17.18 11.84
CA LEU A 81 12.61 -16.18 11.04
C LEU A 81 13.75 -15.58 11.86
N GLY A 82 13.62 -15.60 13.18
CA GLY A 82 14.66 -15.07 14.05
C GLY A 82 14.24 -13.95 14.97
N PHE A 83 12.96 -13.58 14.94
CA PHE A 83 12.45 -12.52 15.80
C PHE A 83 12.33 -12.96 17.26
N ASP A 84 12.51 -12.01 18.17
CA ASP A 84 12.36 -12.29 19.59
C ASP A 84 10.93 -11.85 19.85
N VAL A 85 10.02 -12.82 19.79
CA VAL A 85 8.60 -12.53 19.94
C VAL A 85 8.02 -12.69 21.35
N ILE A 86 7.03 -11.86 21.65
CA ILE A 86 6.33 -11.88 22.92
C ILE A 86 4.85 -11.62 22.61
N VAL A 87 3.96 -12.41 23.21
CA VAL A 87 2.53 -12.27 22.96
C VAL A 87 1.78 -11.66 24.14
N TYR A 88 0.99 -10.63 23.88
CA TYR A 88 0.19 -9.96 24.92
C TYR A 88 -1.27 -10.22 24.62
N ASN A 89 -2.01 -10.71 25.61
CA ASN A 89 -3.43 -11.02 25.43
C ASN A 89 -4.42 -10.02 26.02
N ASP A 90 -5.57 -9.89 25.36
CA ASP A 90 -6.63 -8.98 25.78
C ASP A 90 -6.11 -7.66 26.32
N CYS A 91 -5.46 -6.87 25.46
CA CYS A 91 -4.92 -5.58 25.87
C CYS A 91 -5.94 -4.46 25.75
N SER A 92 -5.87 -3.52 26.68
CA SER A 92 -6.77 -2.36 26.66
C SER A 92 -6.08 -1.36 25.74
N CYS A 93 -6.78 -0.30 25.37
CA CYS A 93 -6.20 0.69 24.49
C CYS A 93 -4.96 1.35 25.09
N ALA A 94 -5.00 1.64 26.38
CA ALA A 94 -3.87 2.27 27.06
C ALA A 94 -2.68 1.31 27.07
N LYS A 95 -2.97 0.04 27.31
CA LYS A 95 -1.93 -0.98 27.35
C LYS A 95 -1.22 -1.09 25.99
N MET A 96 -2.01 -1.09 24.90
CA MET A 96 -1.45 -1.17 23.56
C MET A 96 -0.55 0.02 23.27
N GLN A 97 -1.01 1.21 23.64
CA GLN A 97 -0.23 2.43 23.41
C GLN A 97 1.07 2.40 24.20
N ASP A 98 1.00 1.98 25.46
CA ASP A 98 2.18 1.92 26.31
C ASP A 98 3.14 0.85 25.80
N LEU A 99 2.57 -0.24 25.30
CA LEU A 99 3.36 -1.35 24.77
C LEU A 99 4.21 -0.87 23.58
N LEU A 100 3.58 -0.21 22.61
CA LEU A 100 4.29 0.29 21.44
C LEU A 100 5.23 1.45 21.78
N LYS A 101 4.81 2.31 22.70
CA LYS A 101 5.65 3.43 23.10
C LYS A 101 6.96 2.92 23.73
N LYS A 102 6.84 2.03 24.71
CA LYS A 102 8.01 1.47 25.39
C LYS A 102 8.96 0.78 24.40
N ALA A 103 8.38 0.04 23.45
CA ALA A 103 9.18 -0.66 22.46
C ALA A 103 9.99 0.30 21.60
N SER A 104 9.39 1.43 21.25
CA SER A 104 10.07 2.43 20.42
C SER A 104 11.16 3.15 21.21
N GLU A 105 11.08 3.08 22.54
CA GLU A 105 12.07 3.74 23.39
C GLU A 105 13.24 2.83 23.75
N GLU A 106 13.19 1.57 23.30
CA GLU A 106 14.27 0.63 23.54
C GLU A 106 15.41 0.91 22.59
N ASP A 107 16.54 0.24 22.80
CA ASP A 107 17.70 0.45 21.95
C ASP A 107 17.81 -0.67 20.89
N HIS A 108 17.46 -0.31 19.66
CA HIS A 108 17.47 -1.25 18.54
C HIS A 108 18.79 -1.19 17.77
N THR A 109 19.80 -0.61 18.39
CA THR A 109 21.10 -0.47 17.77
C THR A 109 21.63 -1.76 17.16
N ASN A 110 21.38 -2.89 17.82
CA ASN A 110 21.86 -4.17 17.34
C ASN A 110 20.83 -5.04 16.63
N ALA A 111 19.71 -4.43 16.24
CA ALA A 111 18.63 -5.13 15.55
C ALA A 111 18.55 -4.68 14.10
N ALA A 112 18.14 -5.58 13.22
CA ALA A 112 18.00 -5.28 11.80
C ALA A 112 16.67 -4.62 11.48
N CYS A 113 15.63 -4.95 12.24
CA CYS A 113 14.32 -4.39 12.02
C CYS A 113 13.39 -4.57 13.21
N PHE A 114 12.11 -4.26 13.01
CA PHE A 114 11.10 -4.39 14.06
C PHE A 114 9.78 -4.88 13.45
N ALA A 115 9.05 -5.71 14.18
CA ALA A 115 7.78 -6.21 13.67
C ALA A 115 6.70 -6.17 14.73
N CYS A 116 5.49 -5.80 14.33
CA CYS A 116 4.35 -5.75 15.23
C CYS A 116 3.13 -6.34 14.53
N ILE A 117 2.49 -7.30 15.19
CA ILE A 117 1.31 -7.95 14.65
C ILE A 117 0.13 -7.65 15.55
N LEU A 118 -0.96 -7.18 14.96
CA LEU A 118 -2.18 -6.84 15.68
C LEU A 118 -3.35 -7.72 15.24
N LEU A 119 -3.94 -8.46 16.19
CA LEU A 119 -5.07 -9.34 15.90
C LEU A 119 -6.24 -8.85 16.75
N SER A 120 -7.32 -8.38 16.10
CA SER A 120 -8.45 -7.87 16.87
C SER A 120 -9.62 -7.42 15.99
N HIS A 121 -10.60 -6.77 16.61
CA HIS A 121 -11.74 -6.23 15.89
C HIS A 121 -11.26 -4.85 15.45
N GLY A 122 -11.87 -4.29 14.42
CA GLY A 122 -11.47 -2.98 14.00
C GLY A 122 -12.43 -2.33 13.02
N GLU A 123 -12.11 -1.09 12.66
CA GLU A 123 -12.90 -0.33 11.70
C GLU A 123 -11.89 0.53 10.95
N GLU A 124 -12.34 1.20 9.90
CA GLU A 124 -11.45 2.04 9.12
C GLU A 124 -10.55 2.91 10.00
N ASN A 125 -9.24 2.72 9.88
CA ASN A 125 -8.26 3.51 10.63
C ASN A 125 -8.11 3.24 12.12
N VAL A 126 -8.95 2.37 12.68
CA VAL A 126 -8.85 2.07 14.11
C VAL A 126 -8.86 0.58 14.43
N ILE A 127 -8.31 0.25 15.59
CA ILE A 127 -8.29 -1.13 16.04
C ILE A 127 -8.85 -1.18 17.47
N TYR A 128 -9.58 -2.25 17.79
CA TYR A 128 -10.17 -2.39 19.11
C TYR A 128 -9.25 -2.92 20.19
N GLY A 129 -9.39 -2.35 21.38
CA GLY A 129 -8.66 -2.81 22.55
C GLY A 129 -9.80 -3.52 23.26
N LYS A 130 -9.57 -4.13 24.42
CA LYS A 130 -10.66 -4.82 25.11
C LYS A 130 -11.74 -3.85 25.60
N ASP A 131 -11.36 -2.59 25.76
CA ASP A 131 -12.28 -1.58 26.26
C ASP A 131 -12.71 -0.50 25.28
N GLY A 132 -12.24 -0.57 24.04
CA GLY A 132 -12.63 0.45 23.07
C GLY A 132 -11.74 0.50 21.84
N VAL A 133 -11.82 1.60 21.09
CA VAL A 133 -11.01 1.72 19.89
C VAL A 133 -9.88 2.72 20.06
N THR A 134 -8.87 2.60 19.21
CA THR A 134 -7.72 3.49 19.24
C THR A 134 -7.16 3.56 17.82
N PRO A 135 -6.77 4.77 17.38
CA PRO A 135 -6.22 5.00 16.05
C PRO A 135 -4.94 4.23 15.78
N ILE A 136 -4.91 3.53 14.65
CA ILE A 136 -3.74 2.76 14.26
C ILE A 136 -2.54 3.70 14.08
N LYS A 137 -2.80 4.90 13.57
CA LYS A 137 -1.74 5.89 13.37
C LYS A 137 -1.03 6.21 14.68
N ASP A 138 -1.79 6.26 15.78
CA ASP A 138 -1.17 6.57 17.07
C ASP A 138 -0.20 5.50 17.53
N LEU A 139 -0.53 4.24 17.25
CA LEU A 139 0.33 3.14 17.63
C LEU A 139 1.64 3.12 16.85
N THR A 140 1.56 3.40 15.55
CA THR A 140 2.75 3.37 14.70
C THR A 140 3.61 4.63 14.64
N ALA A 141 3.04 5.79 14.94
CA ALA A 141 3.79 7.04 14.88
C ALA A 141 5.00 7.03 15.80
N HIS A 142 4.93 6.26 16.88
CA HIS A 142 6.03 6.18 17.84
C HIS A 142 7.33 5.72 17.18
N PHE A 143 7.23 5.09 16.02
CA PHE A 143 8.42 4.59 15.33
C PHE A 143 8.93 5.45 14.19
N ARG A 144 8.38 6.66 14.07
CA ARG A 144 8.83 7.59 13.03
C ARG A 144 10.33 7.83 13.17
N GLY A 145 10.99 8.07 12.04
CA GLY A 145 12.42 8.30 12.05
C GLY A 145 12.92 9.33 13.05
N ASP A 146 12.04 10.26 13.44
CA ASP A 146 12.44 11.30 14.39
C ASP A 146 12.02 10.99 15.83
N ARG A 147 11.52 9.78 16.07
CA ARG A 147 11.10 9.39 17.42
C ARG A 147 11.70 8.06 17.86
N CYS A 148 12.49 7.45 16.99
CA CYS A 148 13.14 6.19 17.27
C CYS A 148 14.40 6.11 16.41
N LYS A 149 15.41 6.85 16.80
CA LYS A 149 16.68 6.93 16.09
C LYS A 149 17.33 5.58 15.81
N THR A 150 17.21 4.63 16.74
CA THR A 150 17.84 3.33 16.55
C THR A 150 17.19 2.43 15.51
N LEU A 151 16.06 2.87 14.95
CA LEU A 151 15.38 2.10 13.90
C LEU A 151 15.38 2.90 12.60
N LEU A 152 16.08 4.03 12.61
CA LEU A 152 16.18 4.89 11.43
C LEU A 152 16.86 4.13 10.28
N GLU A 153 16.23 4.16 9.11
CA GLU A 153 16.74 3.47 7.92
C GLU A 153 16.61 1.96 8.04
N LYS A 154 15.80 1.52 9.00
CA LYS A 154 15.56 0.10 9.22
C LYS A 154 14.07 -0.13 9.00
N PRO A 155 13.71 -1.28 8.42
CA PRO A 155 12.29 -1.55 8.19
C PRO A 155 11.47 -1.75 9.46
N LYS A 156 10.28 -1.14 9.48
CA LYS A 156 9.35 -1.24 10.59
C LYS A 156 8.10 -1.91 10.02
N LEU A 157 7.85 -3.15 10.41
CA LEU A 157 6.72 -3.93 9.89
C LEU A 157 5.50 -4.10 10.79
N PHE A 158 4.32 -3.84 10.24
CA PHE A 158 3.07 -4.00 10.98
C PHE A 158 2.10 -4.87 10.19
N PHE A 159 1.69 -6.00 10.77
CA PHE A 159 0.75 -6.90 10.14
C PHE A 159 -0.55 -6.73 10.92
N ILE A 160 -1.64 -6.46 10.21
CA ILE A 160 -2.91 -6.21 10.88
C ILE A 160 -4.12 -7.02 10.43
N GLN A 161 -4.62 -7.88 11.32
CA GLN A 161 -5.81 -8.70 11.05
C GLN A 161 -6.95 -8.02 11.80
N ALA A 162 -7.84 -7.38 11.04
CA ALA A 162 -8.98 -6.65 11.62
C ALA A 162 -9.84 -6.08 10.51
N CYS A 163 -11.12 -5.86 10.80
CA CYS A 163 -12.02 -5.30 9.80
C CYS A 163 -11.69 -3.84 9.57
N ARG A 164 -12.06 -3.32 8.40
CA ARG A 164 -11.79 -1.94 8.06
C ARG A 164 -13.05 -1.29 7.53
N GLY A 165 -14.19 -1.89 7.86
CA GLY A 165 -15.47 -1.40 7.41
C GLY A 165 -16.48 -2.54 7.35
N THR A 166 -17.63 -2.28 6.73
CA THR A 166 -18.66 -3.29 6.65
C THR A 166 -19.01 -3.75 5.24
N GLU A 167 -18.21 -3.34 4.26
CA GLU A 167 -18.46 -3.75 2.89
C GLU A 167 -18.11 -5.24 2.69
N LEU A 168 -18.86 -5.90 1.81
CA LEU A 168 -18.64 -7.30 1.51
C LEU A 168 -18.20 -7.44 0.05
N ASP A 169 -17.32 -8.39 -0.23
CA ASP A 169 -16.84 -8.60 -1.58
C ASP A 169 -17.51 -9.86 -2.11
N ASP A 170 -18.40 -9.69 -3.08
CA ASP A 170 -19.13 -10.81 -3.68
C ASP A 170 -18.31 -11.68 -4.61
N GLY A 171 -17.21 -11.14 -5.12
CA GLY A 171 -16.39 -11.91 -6.04
C GLY A 171 -17.04 -11.97 -7.41
N ILE A 172 -16.37 -12.60 -8.37
CA ILE A 172 -16.91 -12.67 -9.72
C ILE A 172 -16.41 -13.89 -10.49
N GLN A 173 -17.14 -14.24 -11.55
CA GLN A 173 -16.85 -15.37 -12.44
C GLN A 173 -16.62 -16.68 -11.71
N LYS B 6 19.37 14.04 5.05
CA LYS B 6 18.02 13.84 5.68
C LYS B 6 17.24 12.64 5.14
N ILE B 7 16.31 12.16 5.96
CA ILE B 7 15.47 11.02 5.62
C ILE B 7 14.04 11.32 6.07
N PRO B 8 13.05 11.08 5.20
CA PRO B 8 11.66 11.34 5.58
C PRO B 8 11.35 10.56 6.85
N VAL B 9 10.67 11.18 7.81
CA VAL B 9 10.34 10.48 9.05
C VAL B 9 9.33 9.36 8.83
N GLU B 10 8.58 9.42 7.73
CA GLU B 10 7.57 8.40 7.42
C GLU B 10 8.14 7.25 6.60
N ALA B 11 9.42 7.32 6.26
CA ALA B 11 10.05 6.29 5.45
C ALA B 11 10.33 4.96 6.15
N ASP B 12 10.48 3.92 5.35
CA ASP B 12 10.79 2.58 5.81
C ASP B 12 9.75 1.84 6.66
N PHE B 13 8.47 2.19 6.49
CA PHE B 13 7.39 1.49 7.18
C PHE B 13 6.72 0.56 6.16
N LEU B 14 6.13 -0.53 6.63
CA LEU B 14 5.40 -1.43 5.76
C LEU B 14 4.20 -1.94 6.54
N PHE B 15 3.01 -1.80 5.96
CA PHE B 15 1.78 -2.27 6.58
C PHE B 15 1.18 -3.38 5.72
N ALA B 16 0.95 -4.53 6.33
CA ALA B 16 0.32 -5.63 5.62
C ALA B 16 -1.05 -5.78 6.29
N TYR B 17 -2.10 -5.32 5.63
CA TYR B 17 -3.46 -5.42 6.17
C TYR B 17 -4.11 -6.70 5.65
N SER B 18 -5.00 -7.28 6.45
CA SER B 18 -5.69 -8.50 6.05
C SER B 18 -6.74 -8.22 4.97
N THR B 19 -7.19 -6.96 4.89
CA THR B 19 -8.19 -6.62 3.90
C THR B 19 -8.08 -5.16 3.41
N VAL B 20 -8.80 -4.84 2.33
CA VAL B 20 -8.76 -3.48 1.80
C VAL B 20 -9.66 -2.53 2.61
N PRO B 21 -9.38 -1.23 2.54
CA PRO B 21 -10.15 -0.21 3.27
C PRO B 21 -11.65 -0.29 3.02
N GLY B 22 -12.42 -0.27 4.10
CA GLY B 22 -13.87 -0.31 4.00
C GLY B 22 -14.51 -1.70 4.04
N TYR B 23 -13.70 -2.74 3.89
CA TYR B 23 -14.22 -4.10 3.87
C TYR B 23 -14.06 -4.92 5.15
N TYR B 24 -14.81 -6.02 5.19
CA TYR B 24 -14.76 -6.95 6.32
C TYR B 24 -13.53 -7.82 6.15
N SER B 25 -13.16 -8.50 7.22
CA SER B 25 -12.01 -9.39 7.21
C SER B 25 -12.54 -10.69 7.82
N TRP B 26 -12.37 -11.79 7.12
CA TRP B 26 -12.90 -13.07 7.58
C TRP B 26 -12.01 -13.93 8.47
N ARG B 27 -12.67 -14.64 9.38
CA ARG B 27 -11.97 -15.50 10.33
C ARG B 27 -12.75 -16.79 10.60
N SER B 28 -12.04 -17.92 10.49
CA SER B 28 -12.65 -19.21 10.74
C SER B 28 -12.41 -19.56 12.21
N PRO B 29 -13.49 -19.75 12.98
CA PRO B 29 -13.40 -20.09 14.41
C PRO B 29 -12.58 -21.34 14.70
N GLY B 30 -12.57 -22.27 13.76
CA GLY B 30 -11.82 -23.51 13.97
C GLY B 30 -10.45 -23.56 13.30
N ARG B 31 -10.19 -22.69 12.34
CA ARG B 31 -8.91 -22.68 11.65
C ARG B 31 -8.15 -21.37 11.73
N GLY B 32 -8.80 -20.32 12.24
CA GLY B 32 -8.16 -19.02 12.35
C GLY B 32 -8.49 -18.13 11.16
N SER B 33 -8.07 -16.87 11.21
CA SER B 33 -8.36 -15.95 10.13
C SER B 33 -7.71 -16.36 8.80
N TRP B 34 -8.37 -16.03 7.70
CA TRP B 34 -7.87 -16.34 6.36
C TRP B 34 -6.46 -15.78 6.15
N PHE B 35 -6.30 -14.50 6.46
CA PHE B 35 -5.03 -13.82 6.28
C PHE B 35 -3.85 -14.47 7.02
N VAL B 36 -4.03 -14.83 8.28
CA VAL B 36 -2.96 -15.44 9.05
C VAL B 36 -2.64 -16.86 8.60
N GLN B 37 -3.68 -17.62 8.25
CA GLN B 37 -3.46 -18.98 7.78
C GLN B 37 -2.55 -18.91 6.55
N ALA B 38 -2.87 -18.01 5.62
CA ALA B 38 -2.10 -17.83 4.40
C ALA B 38 -0.70 -17.29 4.67
N LEU B 39 -0.61 -16.25 5.49
CA LEU B 39 0.69 -15.65 5.81
C LEU B 39 1.63 -16.69 6.42
N CYS B 40 1.12 -17.49 7.33
CA CYS B 40 1.94 -18.51 7.97
C CYS B 40 2.41 -19.62 7.03
N SER B 41 1.53 -20.08 6.14
CA SER B 41 1.95 -21.15 5.23
C SER B 41 3.02 -20.65 4.25
N ILE B 42 2.90 -19.42 3.77
CA ILE B 42 3.91 -18.89 2.84
C ILE B 42 5.25 -18.69 3.57
N LEU B 43 5.21 -18.13 4.77
CA LEU B 43 6.44 -17.89 5.54
C LEU B 43 7.16 -19.17 5.94
N GLU B 44 6.39 -20.22 6.24
CA GLU B 44 6.97 -21.49 6.63
C GLU B 44 7.73 -22.12 5.46
N GLU B 45 7.27 -21.87 4.24
CA GLU B 45 7.92 -22.44 3.07
C GLU B 45 8.86 -21.50 2.32
N HIS B 46 8.70 -20.19 2.50
CA HIS B 46 9.56 -19.24 1.78
C HIS B 46 10.06 -18.05 2.58
N GLY B 47 9.78 -18.04 3.87
CA GLY B 47 10.20 -16.94 4.72
C GLY B 47 11.67 -16.56 4.59
N LYS B 48 12.53 -17.52 4.28
CA LYS B 48 13.95 -17.21 4.18
C LYS B 48 14.55 -17.13 2.77
N ASP B 49 13.76 -17.37 1.74
CA ASP B 49 14.30 -17.28 0.38
C ASP B 49 13.64 -16.26 -0.52
N LEU B 50 12.55 -15.64 -0.07
CA LEU B 50 11.86 -14.64 -0.88
C LEU B 50 11.86 -13.24 -0.26
N GLU B 51 11.82 -12.22 -1.12
CA GLU B 51 11.80 -10.83 -0.67
C GLU B 51 10.41 -10.60 -0.05
N ILE B 52 10.31 -9.65 0.88
CA ILE B 52 9.03 -9.39 1.56
C ILE B 52 7.82 -9.15 0.65
N MET B 53 7.99 -8.34 -0.40
CA MET B 53 6.88 -8.08 -1.33
C MET B 53 6.49 -9.34 -2.10
N GLN B 54 7.46 -10.20 -2.40
CA GLN B 54 7.16 -11.45 -3.10
C GLN B 54 6.30 -12.33 -2.18
N ILE B 55 6.67 -12.38 -0.91
CA ILE B 55 5.95 -13.17 0.08
C ILE B 55 4.51 -12.68 0.22
N LEU B 56 4.35 -11.38 0.44
CA LEU B 56 3.02 -10.81 0.62
C LEU B 56 2.17 -10.87 -0.65
N THR B 57 2.80 -10.88 -1.82
CA THR B 57 2.04 -10.97 -3.06
C THR B 57 1.45 -12.38 -3.16
N ARG B 58 2.22 -13.38 -2.74
CA ARG B 58 1.73 -14.76 -2.76
C ARG B 58 0.65 -14.94 -1.70
N VAL B 59 0.74 -14.17 -0.61
CA VAL B 59 -0.27 -14.24 0.43
C VAL B 59 -1.56 -13.70 -0.16
N ASN B 60 -1.45 -12.60 -0.90
CA ASN B 60 -2.61 -11.98 -1.55
C ASN B 60 -3.32 -12.99 -2.46
N ASP B 61 -2.55 -13.70 -3.29
CA ASP B 61 -3.12 -14.67 -4.20
C ASP B 61 -3.78 -15.82 -3.44
N ARG B 62 -3.10 -16.34 -2.42
CA ARG B 62 -3.64 -17.44 -1.62
C ARG B 62 -4.97 -17.07 -0.97
N VAL B 63 -5.04 -15.90 -0.34
CA VAL B 63 -6.28 -15.47 0.30
C VAL B 63 -7.38 -15.26 -0.75
N ALA B 64 -7.02 -14.67 -1.89
CA ALA B 64 -7.96 -14.40 -2.96
C ALA B 64 -8.54 -15.63 -3.65
N ARG B 65 -7.73 -16.68 -3.79
CA ARG B 65 -8.17 -17.88 -4.48
C ARG B 65 -8.62 -19.07 -3.64
N HIS B 66 -7.98 -19.28 -2.50
CA HIS B 66 -8.29 -20.43 -1.66
C HIS B 66 -9.41 -20.29 -0.63
N PHE B 67 -9.91 -19.08 -0.42
CA PHE B 67 -10.96 -18.89 0.59
C PHE B 67 -12.26 -18.34 0.04
N GLU B 68 -13.37 -18.75 0.70
CA GLU B 68 -14.72 -18.31 0.34
C GLU B 68 -15.61 -18.55 1.56
N SER B 69 -16.29 -17.49 2.01
CA SER B 69 -17.15 -17.59 3.18
C SER B 69 -18.28 -18.61 3.10
N GLN B 70 -18.66 -19.13 4.27
CA GLN B 70 -19.73 -20.10 4.40
C GLN B 70 -20.60 -19.66 5.57
N SER B 71 -21.89 -19.44 5.30
CA SER B 71 -22.82 -19.02 6.33
C SER B 71 -24.24 -19.40 6.00
N ASP B 72 -25.11 -19.41 7.01
CA ASP B 72 -26.50 -19.73 6.83
C ASP B 72 -27.20 -18.52 6.22
N ASP B 73 -26.90 -17.35 6.77
CA ASP B 73 -27.46 -16.09 6.29
C ASP B 73 -26.98 -15.86 4.86
N PRO B 74 -27.90 -15.82 3.89
CA PRO B 74 -27.56 -15.62 2.47
C PRO B 74 -26.79 -14.32 2.21
N HIS B 75 -26.90 -13.37 3.14
CA HIS B 75 -26.24 -12.07 3.00
C HIS B 75 -24.71 -12.17 3.14
N PHE B 76 -24.24 -13.19 3.85
CA PHE B 76 -22.80 -13.37 4.05
C PHE B 76 -22.31 -14.68 3.46
N HIS B 77 -23.04 -15.20 2.48
CA HIS B 77 -22.69 -16.47 1.85
C HIS B 77 -21.81 -16.31 0.61
N GLU B 78 -20.76 -17.12 0.53
CA GLU B 78 -19.84 -17.11 -0.61
C GLU B 78 -19.08 -15.80 -0.85
N LYS B 79 -18.70 -15.12 0.22
CA LYS B 79 -17.96 -13.86 0.09
C LYS B 79 -16.46 -14.10 -0.06
N LYS B 80 -15.78 -13.15 -0.68
CA LYS B 80 -14.33 -13.25 -0.90
C LYS B 80 -13.54 -12.19 -0.14
N GLN B 81 -12.20 -12.24 -0.26
CA GLN B 81 -11.35 -11.28 0.42
C GLN B 81 -10.00 -11.13 -0.27
N ILE B 82 -9.46 -9.91 -0.24
CA ILE B 82 -8.15 -9.64 -0.83
C ILE B 82 -7.40 -8.74 0.17
N PRO B 83 -6.18 -9.14 0.57
CA PRO B 83 -5.42 -8.31 1.50
C PRO B 83 -4.91 -7.05 0.82
N CYS B 84 -4.33 -6.16 1.62
CA CYS B 84 -3.82 -4.88 1.15
C CYS B 84 -2.43 -4.61 1.72
N VAL B 85 -1.44 -4.43 0.84
CA VAL B 85 -0.08 -4.16 1.28
C VAL B 85 0.30 -2.70 1.01
N VAL B 86 0.69 -1.97 2.05
CA VAL B 86 1.08 -0.58 1.91
C VAL B 86 2.58 -0.47 2.21
N SER B 87 3.36 -0.07 1.21
CA SER B 87 4.80 0.03 1.39
C SER B 87 5.46 1.39 1.24
N MET B 88 6.24 1.76 2.25
CA MET B 88 7.03 2.99 2.24
C MET B 88 8.51 2.55 2.39
N LEU B 89 8.80 1.31 2.02
CA LEU B 89 10.16 0.79 2.11
C LEU B 89 11.05 1.41 1.03
N THR B 90 12.34 1.52 1.32
CA THR B 90 13.29 2.11 0.37
C THR B 90 14.31 1.12 -0.15
N LYS B 91 14.20 -0.14 0.28
CA LYS B 91 15.11 -1.20 -0.15
C LYS B 91 14.35 -2.52 -0.16
N GLU B 92 14.99 -3.56 -0.68
CA GLU B 92 14.41 -4.89 -0.71
C GLU B 92 14.69 -5.51 0.67
N LEU B 93 13.74 -6.30 1.17
CA LEU B 93 13.90 -6.91 2.48
C LEU B 93 13.87 -8.43 2.47
N TYR B 94 14.98 -9.03 2.89
CA TYR B 94 15.12 -10.49 2.97
C TYR B 94 15.41 -10.80 4.43
N PHE B 95 14.86 -11.90 4.92
CA PHE B 95 15.07 -12.30 6.31
C PHE B 95 16.22 -13.31 6.45
N SER B 96 17.41 -12.96 5.97
CA SER B 96 18.54 -13.89 6.08
C SER B 96 19.90 -13.30 5.72
N GLN B 97 20.94 -14.01 6.17
CA GLN B 97 22.34 -13.64 5.93
C GLN B 97 22.71 -12.29 6.56
N THR C 34 2.81 -20.94 -11.95
CA THR C 34 3.65 -19.72 -12.17
C THR C 34 3.20 -18.57 -11.27
N TYR C 35 4.14 -17.67 -10.98
CA TYR C 35 3.89 -16.55 -10.09
C TYR C 35 3.89 -15.17 -10.75
N GLN C 36 3.97 -15.14 -12.07
CA GLN C 36 3.98 -13.88 -12.82
C GLN C 36 2.69 -13.71 -13.59
N TYR C 37 2.30 -12.45 -13.81
CA TYR C 37 1.10 -12.17 -14.59
C TYR C 37 1.40 -12.56 -16.03
N ASN C 38 0.45 -13.17 -16.70
CA ASN C 38 0.65 -13.58 -18.09
C ASN C 38 0.71 -12.33 -18.96
N MET C 39 1.82 -12.14 -19.67
CA MET C 39 2.03 -10.98 -20.53
C MET C 39 1.91 -11.29 -22.02
N ASN C 40 1.59 -12.53 -22.37
CA ASN C 40 1.49 -12.88 -23.78
C ASN C 40 0.15 -12.47 -24.38
N PHE C 41 0.05 -11.21 -24.75
CA PHE C 41 -1.16 -10.66 -25.35
C PHE C 41 -0.75 -9.84 -26.58
N GLU C 42 -1.71 -9.58 -27.45
CA GLU C 42 -1.45 -8.81 -28.67
C GLU C 42 -0.81 -7.47 -28.31
N LYS C 43 -1.22 -6.90 -27.18
CA LYS C 43 -0.68 -5.62 -26.74
C LYS C 43 -0.58 -5.48 -25.22
N LEU C 44 0.37 -4.65 -24.77
CA LEU C 44 0.58 -4.44 -23.34
C LEU C 44 -0.66 -3.82 -22.71
N GLY C 45 -1.22 -2.81 -23.36
CA GLY C 45 -2.43 -2.18 -22.85
C GLY C 45 -2.55 -0.68 -23.03
N LYS C 46 -3.65 -0.13 -22.53
CA LYS C 46 -3.92 1.30 -22.61
C LYS C 46 -3.35 2.06 -21.40
N CYS C 47 -2.81 3.25 -21.66
CA CYS C 47 -2.26 4.11 -20.61
C CYS C 47 -2.87 5.51 -20.74
N ILE C 48 -3.75 5.84 -19.81
CA ILE C 48 -4.42 7.12 -19.83
C ILE C 48 -3.78 8.14 -18.90
N ILE C 49 -3.38 9.29 -19.44
CA ILE C 49 -2.77 10.33 -18.62
C ILE C 49 -3.71 11.53 -18.54
N ILE C 50 -4.02 11.96 -17.31
CA ILE C 50 -4.87 13.11 -17.10
C ILE C 50 -3.98 14.21 -16.53
N ASN C 51 -3.68 15.19 -17.37
CA ASN C 51 -2.81 16.30 -17.01
C ASN C 51 -3.61 17.57 -16.68
N ASN C 52 -3.86 17.79 -15.38
CA ASN C 52 -4.60 18.97 -14.95
C ASN C 52 -3.65 20.08 -14.51
N LYS C 53 -3.65 21.17 -15.27
CA LYS C 53 -2.77 22.30 -14.99
C LYS C 53 -3.50 23.56 -14.55
N ASN C 54 -4.62 23.86 -15.20
CA ASN C 54 -5.39 25.06 -14.89
C ASN C 54 -6.67 24.74 -14.15
N PHE C 55 -6.98 25.56 -13.14
CA PHE C 55 -8.18 25.35 -12.33
C PHE C 55 -9.05 26.60 -12.22
N ASP C 56 -10.36 26.40 -12.10
CA ASP C 56 -11.26 27.53 -11.95
C ASP C 56 -10.92 28.27 -10.67
N LYS C 57 -11.02 29.60 -10.72
CA LYS C 57 -10.72 30.44 -9.58
C LYS C 57 -11.46 30.02 -8.30
N VAL C 58 -12.73 29.66 -8.43
CA VAL C 58 -13.55 29.27 -7.27
C VAL C 58 -13.00 28.12 -6.43
N THR C 59 -12.15 27.28 -7.00
CA THR C 59 -11.61 26.16 -6.26
C THR C 59 -10.48 26.60 -5.34
N GLY C 60 -9.93 27.79 -5.61
CA GLY C 60 -8.84 28.30 -4.79
C GLY C 60 -7.48 27.71 -5.15
N MET C 61 -7.45 26.80 -6.13
CA MET C 61 -6.21 26.16 -6.56
C MET C 61 -5.43 26.98 -7.59
N GLY C 62 -4.11 26.92 -7.51
CA GLY C 62 -3.27 27.66 -8.44
C GLY C 62 -2.77 26.81 -9.60
N VAL C 63 -2.23 27.46 -10.63
CA VAL C 63 -1.68 26.77 -11.79
C VAL C 63 -0.57 25.82 -11.36
N ARG C 64 -0.56 24.62 -11.93
CA ARG C 64 0.46 23.65 -11.58
C ARG C 64 1.63 23.69 -12.56
N ASN C 65 2.45 24.73 -12.48
CA ASN C 65 3.59 24.87 -13.37
C ASN C 65 4.52 23.66 -13.23
N GLY C 66 4.98 23.14 -14.35
CA GLY C 66 5.86 21.99 -14.34
C GLY C 66 5.12 20.70 -14.70
N THR C 67 3.79 20.75 -14.66
CA THR C 67 3.02 19.54 -14.98
C THR C 67 3.10 19.12 -16.44
N ASP C 68 3.34 20.05 -17.36
CA ASP C 68 3.45 19.68 -18.77
C ASP C 68 4.73 18.86 -18.95
N LYS C 69 5.76 19.21 -18.20
CA LYS C 69 7.02 18.46 -18.28
C LYS C 69 6.79 17.02 -17.77
N ASP C 70 6.05 16.87 -16.68
CA ASP C 70 5.76 15.53 -16.16
C ASP C 70 4.99 14.72 -17.21
N ALA C 71 3.95 15.33 -17.77
CA ALA C 71 3.12 14.66 -18.78
C ALA C 71 3.94 14.25 -19.99
N GLU C 72 4.84 15.12 -20.42
CA GLU C 72 5.68 14.83 -21.58
C GLU C 72 6.59 13.62 -21.28
N ALA C 73 7.27 13.68 -20.14
CA ALA C 73 8.18 12.62 -19.73
C ALA C 73 7.47 11.29 -19.55
N LEU C 74 6.32 11.30 -18.89
CA LEU C 74 5.54 10.09 -18.65
C LEU C 74 5.06 9.47 -19.97
N PHE C 75 4.59 10.31 -20.88
CA PHE C 75 4.11 9.80 -22.16
C PHE C 75 5.21 9.06 -22.92
N LYS C 76 6.38 9.68 -23.04
CA LYS C 76 7.48 9.03 -23.75
C LYS C 76 7.86 7.76 -23.02
N CYS C 77 7.96 7.87 -21.71
CA CYS C 77 8.31 6.75 -20.87
C CYS C 77 7.36 5.56 -21.05
N PHE C 78 6.05 5.79 -20.92
CA PHE C 78 5.09 4.71 -21.08
C PHE C 78 4.94 4.21 -22.52
N ARG C 79 5.13 5.10 -23.50
CA ARG C 79 5.03 4.67 -24.90
C ARG C 79 6.20 3.71 -25.12
N SER C 80 7.32 4.04 -24.49
CA SER C 80 8.52 3.24 -24.58
C SER C 80 8.33 1.84 -24.02
N LEU C 81 7.53 1.72 -22.96
CA LEU C 81 7.28 0.41 -22.37
C LEU C 81 6.38 -0.45 -23.25
N GLY C 82 5.59 0.17 -24.11
CA GLY C 82 4.72 -0.61 -24.98
C GLY C 82 3.24 -0.28 -24.85
N PHE C 83 2.91 0.70 -24.01
CA PHE C 83 1.51 1.11 -23.80
C PHE C 83 0.99 2.00 -24.93
N ASP C 84 -0.32 1.97 -25.15
CA ASP C 84 -0.92 2.85 -26.13
C ASP C 84 -1.38 4.02 -25.24
N VAL C 85 -0.60 5.10 -25.24
CA VAL C 85 -0.92 6.23 -24.38
C VAL C 85 -1.73 7.38 -24.96
N ILE C 86 -2.66 7.85 -24.13
CA ILE C 86 -3.56 8.95 -24.46
C ILE C 86 -3.43 10.02 -23.37
N VAL C 87 -3.28 11.28 -23.78
CA VAL C 87 -3.14 12.36 -22.81
C VAL C 87 -4.30 13.37 -22.85
N TYR C 88 -4.99 13.51 -21.71
CA TYR C 88 -6.09 14.46 -21.58
C TYR C 88 -5.56 15.66 -20.80
N ASN C 89 -6.13 16.84 -21.02
CA ASN C 89 -5.66 18.04 -20.35
C ASN C 89 -6.78 18.91 -19.77
N ASP C 90 -6.52 19.47 -18.58
CA ASP C 90 -7.48 20.32 -17.86
C ASP C 90 -8.89 19.76 -17.90
N CYS C 91 -9.10 18.63 -17.23
CA CYS C 91 -10.41 17.98 -17.20
C CYS C 91 -11.27 18.36 -16.02
N SER C 92 -12.58 18.41 -16.25
CA SER C 92 -13.53 18.71 -15.21
C SER C 92 -13.74 17.39 -14.48
N CYS C 93 -14.41 17.42 -13.33
CA CYS C 93 -14.65 16.19 -12.59
C CYS C 93 -15.53 15.27 -13.43
N ALA C 94 -16.57 15.82 -14.04
CA ALA C 94 -17.46 15.00 -14.86
C ALA C 94 -16.71 14.37 -16.02
N LYS C 95 -15.76 15.12 -16.59
CA LYS C 95 -14.97 14.60 -17.70
C LYS C 95 -14.07 13.45 -17.23
N MET C 96 -13.44 13.58 -16.07
CA MET C 96 -12.58 12.51 -15.56
C MET C 96 -13.37 11.22 -15.32
N GLN C 97 -14.55 11.35 -14.70
CA GLN C 97 -15.42 10.21 -14.41
C GLN C 97 -15.88 9.50 -15.67
N ASP C 98 -16.36 10.28 -16.63
CA ASP C 98 -16.88 9.74 -17.89
C ASP C 98 -15.78 9.10 -18.71
N LEU C 99 -14.63 9.75 -18.72
CA LEU C 99 -13.46 9.30 -19.45
C LEU C 99 -13.00 7.92 -18.94
N LEU C 100 -13.01 7.71 -17.62
CA LEU C 100 -12.60 6.43 -17.06
C LEU C 100 -13.69 5.37 -17.17
N LYS C 101 -14.94 5.78 -17.04
CA LYS C 101 -16.06 4.85 -17.15
C LYS C 101 -16.09 4.26 -18.57
N LYS C 102 -15.85 5.11 -19.57
CA LYS C 102 -15.84 4.63 -20.95
C LYS C 102 -14.65 3.72 -21.21
N ALA C 103 -13.49 4.06 -20.67
CA ALA C 103 -12.30 3.23 -20.85
C ALA C 103 -12.53 1.83 -20.27
N SER C 104 -13.30 1.75 -19.19
CA SER C 104 -13.59 0.47 -18.54
C SER C 104 -14.66 -0.33 -19.27
N GLU C 105 -15.40 0.32 -20.17
CA GLU C 105 -16.44 -0.36 -20.93
C GLU C 105 -15.90 -0.83 -22.29
N GLU C 106 -14.65 -0.50 -22.57
CA GLU C 106 -14.02 -0.93 -23.83
C GLU C 106 -13.57 -2.39 -23.68
N ASP C 107 -13.16 -3.00 -24.79
CA ASP C 107 -12.73 -4.38 -24.78
C ASP C 107 -11.22 -4.53 -24.54
N HIS C 108 -10.85 -5.13 -23.41
CA HIS C 108 -9.44 -5.31 -23.05
C HIS C 108 -8.94 -6.75 -23.25
N THR C 109 -9.78 -7.59 -23.86
CA THR C 109 -9.43 -8.98 -24.09
C THR C 109 -8.01 -9.20 -24.59
N ASN C 110 -7.57 -8.39 -25.54
CA ASN C 110 -6.22 -8.55 -26.10
C ASN C 110 -5.11 -7.77 -25.42
N ALA C 111 -5.38 -7.19 -24.26
CA ALA C 111 -4.38 -6.42 -23.52
C ALA C 111 -3.93 -7.15 -22.26
N ALA C 112 -2.66 -6.97 -21.91
CA ALA C 112 -2.08 -7.60 -20.73
C ALA C 112 -2.47 -6.88 -19.44
N CYS C 113 -2.59 -5.56 -19.51
CA CYS C 113 -2.94 -4.78 -18.32
C CYS C 113 -3.50 -3.41 -18.65
N PHE C 114 -3.66 -2.58 -17.63
CA PHE C 114 -4.18 -1.22 -17.78
C PHE C 114 -3.43 -0.26 -16.86
N ALA C 115 -3.15 0.94 -17.36
CA ALA C 115 -2.45 1.94 -16.57
C ALA C 115 -3.13 3.30 -16.67
N CYS C 116 -3.20 4.01 -15.55
CA CYS C 116 -3.79 5.34 -15.49
C CYS C 116 -2.92 6.22 -14.60
N ILE C 117 -2.62 7.42 -15.08
CA ILE C 117 -1.78 8.36 -14.35
C ILE C 117 -2.55 9.67 -14.13
N LEU C 118 -2.67 10.09 -12.88
CA LEU C 118 -3.39 11.33 -12.56
C LEU C 118 -2.41 12.39 -12.05
N LEU C 119 -2.45 13.56 -12.68
CA LEU C 119 -1.58 14.67 -12.31
C LEU C 119 -2.49 15.86 -11.94
N SER C 120 -2.56 16.20 -10.66
CA SER C 120 -3.44 17.29 -10.26
C SER C 120 -3.26 17.68 -8.79
N HIS C 121 -4.13 18.58 -8.32
CA HIS C 121 -4.15 18.96 -6.93
C HIS C 121 -4.97 17.86 -6.28
N GLY C 122 -4.81 17.69 -4.98
CA GLY C 122 -5.57 16.68 -4.28
C GLY C 122 -5.62 16.94 -2.79
N GLU C 123 -6.44 16.16 -2.10
CA GLU C 123 -6.60 16.21 -0.65
C GLU C 123 -6.79 14.74 -0.30
N GLU C 124 -6.84 14.39 0.99
CA GLU C 124 -6.98 12.99 1.35
C GLU C 124 -8.16 12.29 0.68
N ASN C 125 -7.84 11.19 -0.02
CA ASN C 125 -8.84 10.39 -0.73
C ASN C 125 -9.51 11.10 -1.89
N VAL C 126 -9.04 12.29 -2.22
CA VAL C 126 -9.67 13.08 -3.25
C VAL C 126 -8.71 13.65 -4.30
N ILE C 127 -9.23 13.85 -5.51
CA ILE C 127 -8.42 14.42 -6.60
C ILE C 127 -9.22 15.57 -7.23
N TYR C 128 -8.53 16.65 -7.56
CA TYR C 128 -9.18 17.81 -8.15
C TYR C 128 -9.38 17.76 -9.67
N GLY C 129 -10.55 18.23 -10.08
CA GLY C 129 -10.88 18.37 -11.47
C GLY C 129 -10.73 19.87 -11.57
N LYS C 130 -10.89 20.47 -12.74
CA LYS C 130 -10.71 21.91 -12.79
C LYS C 130 -11.83 22.68 -12.08
N ASP C 131 -12.99 22.04 -11.92
CA ASP C 131 -14.14 22.69 -11.29
C ASP C 131 -14.44 22.16 -9.89
N GLY C 132 -13.61 21.27 -9.38
CA GLY C 132 -13.87 20.76 -8.05
C GLY C 132 -13.13 19.50 -7.65
N VAL C 133 -13.72 18.78 -6.71
CA VAL C 133 -13.15 17.57 -6.15
C VAL C 133 -14.00 16.31 -6.36
N THR C 134 -13.33 15.18 -6.61
CA THR C 134 -14.02 13.91 -6.79
C THR C 134 -13.21 12.79 -6.12
N PRO C 135 -13.90 11.86 -5.43
CA PRO C 135 -13.26 10.73 -4.73
C PRO C 135 -12.44 9.82 -5.65
N ILE C 136 -11.21 9.53 -5.25
CA ILE C 136 -10.34 8.67 -6.04
C ILE C 136 -10.97 7.28 -6.18
N LYS C 137 -11.63 6.83 -5.11
CA LYS C 137 -12.27 5.52 -5.13
C LYS C 137 -13.31 5.39 -6.26
N ASP C 138 -14.10 6.44 -6.48
CA ASP C 138 -15.11 6.38 -7.52
C ASP C 138 -14.48 6.34 -8.92
N LEU C 139 -13.30 6.92 -9.06
CA LEU C 139 -12.62 6.91 -10.35
C LEU C 139 -12.09 5.52 -10.69
N THR C 140 -11.55 4.82 -9.70
CA THR C 140 -10.98 3.50 -9.91
C THR C 140 -11.99 2.35 -9.83
N ALA C 141 -13.12 2.58 -9.17
CA ALA C 141 -14.16 1.56 -9.02
C ALA C 141 -14.70 1.05 -10.36
N HIS C 142 -14.64 1.88 -11.40
CA HIS C 142 -15.12 1.47 -12.72
C HIS C 142 -14.37 0.24 -13.21
N PHE C 143 -13.19 -0.03 -12.64
CA PHE C 143 -12.41 -1.17 -13.09
C PHE C 143 -12.42 -2.42 -12.20
N ARG C 144 -13.31 -2.48 -11.23
CA ARG C 144 -13.40 -3.65 -10.36
C ARG C 144 -13.66 -4.89 -11.23
N GLY C 145 -13.40 -6.06 -10.67
CA GLY C 145 -13.59 -7.29 -11.43
C GLY C 145 -15.00 -7.47 -11.98
N ASP C 146 -16.00 -7.11 -11.19
CA ASP C 146 -17.39 -7.27 -11.59
C ASP C 146 -17.91 -6.21 -12.55
N ARG C 147 -17.17 -5.12 -12.75
CA ARG C 147 -17.62 -4.04 -13.63
C ARG C 147 -16.79 -3.87 -14.89
N CYS C 148 -15.71 -4.63 -14.98
CA CYS C 148 -14.83 -4.59 -16.15
C CYS C 148 -14.25 -5.98 -16.33
N LYS C 149 -15.09 -6.89 -16.81
CA LYS C 149 -14.71 -8.28 -17.02
C LYS C 149 -13.49 -8.55 -17.89
N THR C 150 -13.23 -7.69 -18.87
CA THR C 150 -12.08 -7.94 -19.74
C THR C 150 -10.72 -7.59 -19.14
N LEU C 151 -10.71 -7.09 -17.90
CA LEU C 151 -9.45 -6.79 -17.22
C LEU C 151 -9.33 -7.70 -15.99
N LEU C 152 -10.31 -8.57 -15.81
CA LEU C 152 -10.31 -9.49 -14.67
C LEU C 152 -9.03 -10.33 -14.66
N GLU C 153 -8.40 -10.42 -13.48
CA GLU C 153 -7.15 -11.16 -13.31
C GLU C 153 -5.98 -10.50 -14.01
N LYS C 154 -6.15 -9.24 -14.41
CA LYS C 154 -5.09 -8.49 -15.06
C LYS C 154 -4.77 -7.29 -14.17
N PRO C 155 -3.48 -6.92 -14.10
CA PRO C 155 -3.10 -5.77 -13.27
C PRO C 155 -3.68 -4.44 -13.76
N LYS C 156 -4.23 -3.68 -12.81
CA LYS C 156 -4.82 -2.37 -13.07
C LYS C 156 -3.99 -1.38 -12.23
N LEU C 157 -3.15 -0.60 -12.90
CA LEU C 157 -2.25 0.33 -12.23
C LEU C 157 -2.68 1.80 -12.24
N PHE C 158 -2.49 2.47 -11.10
CA PHE C 158 -2.82 3.88 -10.99
C PHE C 158 -1.68 4.65 -10.32
N PHE C 159 -1.11 5.60 -11.05
CA PHE C 159 -0.03 6.41 -10.51
C PHE C 159 -0.66 7.76 -10.23
N ILE C 160 -0.51 8.25 -9.01
CA ILE C 160 -1.13 9.51 -8.62
C ILE C 160 -0.19 10.56 -8.02
N GLN C 161 0.01 11.64 -8.76
CA GLN C 161 0.83 12.77 -8.32
C GLN C 161 -0.18 13.81 -7.86
N ALA C 162 -0.32 13.96 -6.55
CA ALA C 162 -1.27 14.91 -5.97
C ALA C 162 -1.10 14.91 -4.46
N CYS C 163 -1.48 16.01 -3.82
CA CYS C 163 -1.36 16.10 -2.36
C CYS C 163 -2.45 15.25 -1.73
N ARG C 164 -2.24 14.89 -0.47
CA ARG C 164 -3.19 14.08 0.26
C ARG C 164 -3.42 14.67 1.64
N GLY C 165 -3.15 15.96 1.77
CA GLY C 165 -3.31 16.65 3.04
C GLY C 165 -2.35 17.82 3.09
N THR C 166 -2.14 18.38 4.28
CA THR C 166 -1.26 19.54 4.41
C THR C 166 -0.11 19.38 5.39
N GLU C 167 0.22 18.15 5.74
CA GLU C 167 1.33 17.91 6.67
C GLU C 167 2.65 17.96 5.92
N LEU C 168 3.68 18.46 6.60
CA LEU C 168 5.01 18.57 6.02
C LEU C 168 5.94 17.59 6.71
N ASP C 169 6.89 17.04 5.96
CA ASP C 169 7.86 16.11 6.52
C ASP C 169 9.16 16.90 6.67
N ASP C 170 9.54 17.19 7.91
CA ASP C 170 10.76 17.96 8.17
C ASP C 170 12.01 17.11 7.98
N GLY C 171 11.86 15.79 8.10
CA GLY C 171 12.99 14.90 7.95
C GLY C 171 13.79 14.74 9.22
N ILE C 172 14.85 13.94 9.14
CA ILE C 172 15.70 13.72 10.31
C ILE C 172 17.12 13.37 9.84
N GLN C 173 18.08 13.53 10.75
CA GLN C 173 19.48 13.25 10.47
C GLN C 173 20.02 14.28 9.48
N LYS D 6 -14.21 -18.11 -7.90
CA LYS D 6 -14.36 -16.62 -7.90
C LYS D 6 -13.09 -15.86 -7.53
N ILE D 7 -13.07 -14.59 -7.95
CA ILE D 7 -11.96 -13.67 -7.68
C ILE D 7 -12.57 -12.44 -6.98
N PRO D 8 -11.89 -11.90 -5.95
CA PRO D 8 -12.42 -10.73 -5.27
C PRO D 8 -12.50 -9.57 -6.27
N VAL D 9 -13.55 -8.77 -6.23
CA VAL D 9 -13.68 -7.68 -7.18
C VAL D 9 -12.62 -6.59 -7.03
N GLU D 10 -12.03 -6.50 -5.84
CA GLU D 10 -11.00 -5.51 -5.54
C GLU D 10 -9.57 -6.00 -5.77
N ALA D 11 -9.44 -7.22 -6.30
CA ALA D 11 -8.12 -7.80 -6.55
C ALA D 11 -7.43 -7.29 -7.82
N ASP D 12 -6.10 -7.34 -7.81
CA ASP D 12 -5.29 -6.95 -8.96
C ASP D 12 -5.16 -5.46 -9.26
N PHE D 13 -5.32 -4.63 -8.22
CA PHE D 13 -5.15 -3.19 -8.35
C PHE D 13 -3.82 -2.84 -7.70
N LEU D 14 -3.20 -1.77 -8.18
CA LEU D 14 -1.96 -1.28 -7.58
C LEU D 14 -2.02 0.23 -7.67
N PHE D 15 -1.80 0.90 -6.55
CA PHE D 15 -1.80 2.35 -6.50
C PHE D 15 -0.44 2.87 -6.09
N ALA D 16 0.16 3.69 -6.93
CA ALA D 16 1.45 4.26 -6.63
C ALA D 16 1.22 5.75 -6.37
N TYR D 17 1.14 6.12 -5.08
CA TYR D 17 0.94 7.52 -4.70
C TYR D 17 2.27 8.22 -4.54
N SER D 18 2.32 9.50 -4.89
CA SER D 18 3.55 10.28 -4.78
C SER D 18 3.90 10.60 -3.33
N THR D 19 2.92 10.50 -2.44
CA THR D 19 3.18 10.79 -1.04
C THR D 19 2.29 9.97 -0.12
N VAL D 20 2.54 10.04 1.19
CA VAL D 20 1.74 9.28 2.14
C VAL D 20 0.49 10.03 2.56
N PRO D 21 -0.52 9.30 3.05
CA PRO D 21 -1.79 9.88 3.50
C PRO D 21 -1.61 11.10 4.40
N GLY D 22 -2.33 12.17 4.10
CA GLY D 22 -2.26 13.37 4.91
C GLY D 22 -1.17 14.38 4.62
N TYR D 23 -0.21 14.02 3.76
CA TYR D 23 0.89 14.93 3.45
C TYR D 23 0.82 15.64 2.11
N TYR D 24 1.65 16.67 1.95
CA TYR D 24 1.75 17.43 0.72
C TYR D 24 2.61 16.62 -0.23
N SER D 25 2.64 17.04 -1.49
CA SER D 25 3.47 16.41 -2.49
C SER D 25 4.19 17.57 -3.17
N TRP D 26 5.50 17.42 -3.40
CA TRP D 26 6.27 18.49 -3.99
C TRP D 26 6.45 18.44 -5.49
N ARG D 27 6.44 19.63 -6.10
CA ARG D 27 6.58 19.78 -7.54
C ARG D 27 7.45 20.98 -7.88
N SER D 28 8.39 20.78 -8.79
CA SER D 28 9.29 21.84 -9.22
C SER D 28 8.76 22.46 -10.52
N PRO D 29 8.48 23.78 -10.51
CA PRO D 29 7.96 24.48 -11.70
C PRO D 29 8.85 24.30 -12.93
N GLY D 30 10.13 24.02 -12.71
CA GLY D 30 11.04 23.86 -13.82
C GLY D 30 11.40 22.43 -14.20
N ARG D 31 11.37 21.51 -13.23
CA ARG D 31 11.71 20.11 -13.52
C ARG D 31 10.55 19.13 -13.42
N GLY D 32 9.44 19.57 -12.84
CA GLY D 32 8.29 18.70 -12.69
C GLY D 32 8.24 18.17 -11.26
N SER D 33 7.26 17.33 -10.95
CA SER D 33 7.14 16.78 -9.61
C SER D 33 8.26 15.79 -9.30
N TRP D 34 8.64 15.69 -8.03
CA TRP D 34 9.72 14.78 -7.62
C TRP D 34 9.43 13.34 -7.97
N PHE D 35 8.23 12.89 -7.60
CA PHE D 35 7.79 11.53 -7.86
C PHE D 35 7.86 11.14 -9.34
N VAL D 36 7.38 12.02 -10.22
CA VAL D 36 7.39 11.73 -11.65
C VAL D 36 8.84 11.71 -12.18
N GLN D 37 9.64 12.67 -11.73
CA GLN D 37 11.04 12.73 -12.15
C GLN D 37 11.71 11.40 -11.82
N ALA D 38 11.51 10.94 -10.59
CA ALA D 38 12.08 9.67 -10.12
C ALA D 38 11.55 8.47 -10.89
N LEU D 39 10.23 8.38 -10.98
CA LEU D 39 9.57 7.28 -11.68
C LEU D 39 10.10 7.10 -13.11
N CYS D 40 10.19 8.20 -13.86
CA CYS D 40 10.65 8.12 -15.24
C CYS D 40 12.13 7.72 -15.31
N SER D 41 12.91 8.24 -14.37
CA SER D 41 14.33 7.93 -14.30
C SER D 41 14.53 6.42 -14.13
N ILE D 42 13.89 5.85 -13.10
CA ILE D 42 14.01 4.42 -12.85
C ILE D 42 13.44 3.61 -14.02
N LEU D 43 12.31 4.02 -14.56
CA LEU D 43 11.70 3.29 -15.68
C LEU D 43 12.56 3.32 -16.95
N GLU D 44 13.26 4.43 -17.18
CA GLU D 44 14.13 4.52 -18.36
C GLU D 44 15.28 3.53 -18.23
N GLU D 45 15.74 3.31 -17.00
CA GLU D 45 16.84 2.40 -16.75
C GLU D 45 16.44 0.94 -16.57
N HIS D 46 15.35 0.70 -15.85
CA HIS D 46 14.94 -0.68 -15.54
C HIS D 46 13.51 -1.11 -15.84
N GLY D 47 12.72 -0.23 -16.45
CA GLY D 47 11.34 -0.59 -16.74
C GLY D 47 11.17 -1.90 -17.47
N LYS D 48 12.22 -2.34 -18.16
CA LYS D 48 12.15 -3.58 -18.93
C LYS D 48 12.75 -4.80 -18.25
N ASP D 49 13.37 -4.65 -17.09
CA ASP D 49 13.98 -5.81 -16.44
C ASP D 49 13.74 -6.00 -14.94
N LEU D 50 12.99 -5.10 -14.32
CA LEU D 50 12.70 -5.23 -12.89
C LEU D 50 11.21 -5.44 -12.67
N GLU D 51 10.86 -6.14 -11.59
CA GLU D 51 9.46 -6.39 -11.24
C GLU D 51 8.90 -5.04 -10.77
N ILE D 52 7.59 -4.84 -10.92
CA ILE D 52 6.99 -3.56 -10.53
C ILE D 52 7.28 -3.06 -9.10
N MET D 53 7.29 -3.95 -8.12
CA MET D 53 7.59 -3.53 -6.73
C MET D 53 9.04 -3.12 -6.57
N GLN D 54 9.95 -3.77 -7.31
CA GLN D 54 11.37 -3.41 -7.25
C GLN D 54 11.54 -2.00 -7.80
N ILE D 55 10.83 -1.72 -8.88
CA ILE D 55 10.88 -0.41 -9.51
C ILE D 55 10.37 0.68 -8.55
N LEU D 56 9.18 0.48 -7.99
CA LEU D 56 8.62 1.47 -7.11
C LEU D 56 9.38 1.62 -5.80
N THR D 57 10.05 0.55 -5.37
CA THR D 57 10.83 0.63 -4.14
C THR D 57 12.05 1.51 -4.40
N ARG D 58 12.61 1.38 -5.60
CA ARG D 58 13.76 2.21 -5.96
C ARG D 58 13.29 3.65 -6.11
N VAL D 59 12.07 3.81 -6.60
CA VAL D 59 11.49 5.14 -6.76
C VAL D 59 11.33 5.75 -5.38
N ASN D 60 10.87 4.93 -4.43
CA ASN D 60 10.70 5.39 -3.05
C ASN D 60 12.01 5.93 -2.49
N ASP D 61 13.09 5.17 -2.71
CA ASP D 61 14.41 5.54 -2.21
C ASP D 61 14.96 6.81 -2.87
N ARG D 62 14.72 6.96 -4.18
CA ARG D 62 15.23 8.11 -4.90
C ARG D 62 14.55 9.40 -4.44
N VAL D 63 13.24 9.36 -4.23
CA VAL D 63 12.52 10.54 -3.77
C VAL D 63 12.91 10.88 -2.34
N ALA D 64 13.08 9.84 -1.52
CA ALA D 64 13.44 10.02 -0.12
C ALA D 64 14.84 10.62 0.08
N ARG D 65 15.79 10.19 -0.73
CA ARG D 65 17.17 10.66 -0.60
C ARG D 65 17.59 11.84 -1.47
N HIS D 66 17.22 11.84 -2.73
CA HIS D 66 17.61 12.88 -3.67
C HIS D 66 16.90 14.24 -3.60
N PHE D 67 15.75 14.33 -2.93
CA PHE D 67 15.06 15.62 -2.89
C PHE D 67 14.84 16.27 -1.54
N GLU D 68 14.91 17.60 -1.53
CA GLU D 68 14.69 18.41 -0.34
C GLU D 68 14.15 19.74 -0.87
N SER D 69 13.06 20.23 -0.27
CA SER D 69 12.46 21.47 -0.75
C SER D 69 13.27 22.74 -0.45
N GLN D 70 13.06 23.73 -1.30
CA GLN D 70 13.72 25.03 -1.19
C GLN D 70 12.66 26.11 -1.35
N SER D 71 12.59 27.00 -0.37
CA SER D 71 11.62 28.11 -0.36
C SER D 71 12.12 29.23 0.56
N ASP D 72 11.81 30.48 0.19
CA ASP D 72 12.21 31.64 0.98
C ASP D 72 11.56 31.50 2.36
N ASP D 73 10.26 31.17 2.36
CA ASP D 73 9.51 30.97 3.59
C ASP D 73 10.15 29.81 4.35
N PRO D 74 10.70 30.08 5.55
CA PRO D 74 11.35 29.03 6.35
C PRO D 74 10.40 27.90 6.76
N HIS D 75 9.10 28.15 6.66
CA HIS D 75 8.09 27.16 7.02
C HIS D 75 8.04 25.99 6.03
N PHE D 76 8.36 26.24 4.77
CA PHE D 76 8.35 25.19 3.76
C PHE D 76 9.76 24.93 3.26
N HIS D 77 10.75 25.25 4.08
CA HIS D 77 12.14 25.08 3.70
C HIS D 77 12.77 23.77 4.18
N GLU D 78 13.50 23.11 3.28
CA GLU D 78 14.19 21.85 3.59
C GLU D 78 13.26 20.69 3.99
N LYS D 79 12.10 20.59 3.35
CA LYS D 79 11.16 19.53 3.64
C LYS D 79 11.38 18.28 2.77
N LYS D 80 11.02 17.12 3.31
CA LYS D 80 11.22 15.86 2.61
C LYS D 80 9.93 15.17 2.16
N GLN D 81 10.08 14.09 1.39
CA GLN D 81 8.93 13.37 0.87
C GLN D 81 9.18 11.87 0.73
N ILE D 82 8.15 11.06 0.98
CA ILE D 82 8.25 9.60 0.81
C ILE D 82 6.98 9.12 0.11
N PRO D 83 7.13 8.45 -1.05
CA PRO D 83 5.96 7.95 -1.79
C PRO D 83 5.30 6.78 -1.06
N CYS D 84 4.15 6.36 -1.55
CA CYS D 84 3.38 5.30 -0.93
C CYS D 84 2.81 4.30 -1.95
N VAL D 85 3.21 3.04 -1.84
CA VAL D 85 2.73 2.00 -2.74
C VAL D 85 1.68 1.10 -2.08
N VAL D 86 0.50 0.99 -2.70
CA VAL D 86 -0.57 0.14 -2.17
C VAL D 86 -0.80 -0.97 -3.19
N SER D 87 -0.61 -2.21 -2.77
CA SER D 87 -0.76 -3.33 -3.69
C SER D 87 -1.78 -4.40 -3.32
N MET D 88 -2.62 -4.73 -4.31
CA MET D 88 -3.61 -5.78 -4.17
C MET D 88 -3.29 -6.79 -5.28
N LEU D 89 -2.10 -6.70 -5.85
CA LEU D 89 -1.70 -7.60 -6.92
C LEU D 89 -1.55 -9.02 -6.37
N THR D 90 -1.85 -10.00 -7.20
CA THR D 90 -1.78 -11.40 -6.82
C THR D 90 -0.63 -12.12 -7.50
N LYS D 91 0.16 -11.38 -8.27
CA LYS D 91 1.30 -11.95 -8.99
C LYS D 91 2.37 -10.91 -9.18
N GLU D 92 3.54 -11.36 -9.61
CA GLU D 92 4.67 -10.48 -9.89
C GLU D 92 4.42 -9.88 -11.28
N LEU D 93 4.73 -8.60 -11.44
CA LEU D 93 4.51 -7.95 -12.72
C LEU D 93 5.78 -7.49 -13.43
N TYR D 94 5.97 -7.97 -14.64
CA TYR D 94 7.09 -7.61 -15.49
C TYR D 94 6.50 -7.06 -16.79
N PHE D 95 7.06 -5.98 -17.30
CA PHE D 95 6.55 -5.36 -18.52
C PHE D 95 7.06 -5.94 -19.83
N SER D 96 7.81 -7.04 -19.80
CA SER D 96 8.33 -7.62 -21.03
C SER D 96 8.27 -9.15 -21.13
N GLN D 97 8.98 -9.68 -22.13
CA GLN D 97 9.05 -11.12 -22.40
C GLN D 97 7.70 -11.83 -22.42
N GLU E 2 -18.09 -19.00 9.15
CA GLU E 2 -17.11 -17.96 9.47
C GLU E 2 -17.69 -16.69 10.07
N SER E 3 -16.88 -16.00 10.86
CA SER E 3 -17.28 -14.74 11.50
C SER E 3 -16.39 -13.61 10.97
N MET E 4 -16.72 -12.38 11.32
CA MET E 4 -15.98 -11.21 10.84
C MET E 4 -15.23 -10.43 11.90
N GLU F 2 9.87 25.45 -4.89
CA GLU F 2 8.97 24.39 -5.22
C GLU F 2 7.59 24.77 -4.74
N SER F 3 6.60 24.09 -5.30
CA SER F 3 5.22 24.31 -4.93
C SER F 3 4.65 22.97 -4.46
N MET F 4 3.46 23.02 -3.85
CA MET F 4 2.82 21.81 -3.37
C MET F 4 1.61 21.43 -4.22
N GLN G 1 19.25 -11.01 -2.59
CA GLN G 1 19.40 -12.35 -3.23
C GLN G 1 19.12 -12.30 -4.73
N GLY G 2 18.44 -13.32 -5.25
CA GLY G 2 18.17 -13.36 -6.67
C GLY G 2 16.69 -13.45 -7.13
N HIS G 3 16.19 -12.31 -7.51
CA HIS G 3 14.86 -12.18 -8.08
C HIS G 3 15.25 -12.42 -9.61
N GLY G 4 14.83 -13.46 -10.28
CA GLY G 4 15.23 -13.56 -11.69
C GLY G 4 13.93 -14.05 -12.28
N GLU G 5 13.48 -13.12 -13.17
CA GLU G 5 12.32 -13.01 -14.09
C GLU G 5 12.07 -14.35 -14.69
#